data_4I7C
#
_entry.id   4I7C
#
_cell.length_a   164.230
_cell.length_b   164.230
_cell.length_c   164.230
_cell.angle_alpha   90.00
_cell.angle_beta   90.00
_cell.angle_gamma   90.00
#
_symmetry.space_group_name_H-M   'I 2 3'
#
loop_
_entity.id
_entity.type
_entity.pdbx_description
1 polymer 'E3 ubiquitin-protein ligase SIAH1'
2 polymer 'Protein phyllopod'
3 non-polymer 'ZINC ION'
4 non-polymer (4S)-2-METHYL-2,4-PENTANEDIOL
5 water water
#
loop_
_entity_poly.entity_id
_entity_poly.type
_entity_poly.pdbx_seq_one_letter_code
_entity_poly.pdbx_strand_id
1 'polypeptide(L)'
;GSHVANSVLFPCKYASSGCEITLPHTEKADHEELCEFRPYSCPCPGASCKWQGSLDAVMPHLMHQHKSICTLQGEDIVFL
ATDINLPGAVDWVMMQSCFGFHFMLVLEKQEKYDGHQQFFAIVQLIGTRKQAENFAYRLELNGHRRRLTWEATPRSIHEG
IATAIMNSDCLVFDTSIAQLFAENGNLGINVTISMC
;
A,C
2 'polypeptide(L)' (ACE)KLRPV(23P)MVRPWVR B,D
#
loop_
_chem_comp.id
_chem_comp.type
_chem_comp.name
_chem_comp.formula
ACE non-polymer 'ACETYL GROUP' 'C2 H4 O'
MPD non-polymer (4S)-2-METHYL-2,4-PENTANEDIOL 'C6 H14 O2'
ZN non-polymer 'ZINC ION' 'Zn 2'
#
# COMPACT_ATOMS: atom_id res chain seq x y z
N ALA A 5 14.38 -27.83 49.36
CA ALA A 5 13.76 -27.22 48.14
C ALA A 5 14.50 -25.94 47.77
N ASN A 6 15.42 -26.05 46.81
CA ASN A 6 16.17 -24.89 46.33
C ASN A 6 15.23 -23.87 45.68
N SER A 7 14.37 -24.35 44.79
CA SER A 7 13.30 -23.55 44.21
C SER A 7 12.23 -24.48 43.63
N VAL A 8 11.24 -23.93 42.94
CA VAL A 8 10.14 -24.75 42.41
C VAL A 8 9.71 -24.31 41.03
N LEU A 9 9.41 -25.28 40.18
CA LEU A 9 8.79 -25.05 38.89
C LEU A 9 7.30 -25.36 39.03
N PHE A 10 6.46 -24.47 38.48
CA PHE A 10 5.01 -24.62 38.53
C PHE A 10 4.47 -25.03 37.18
N PRO A 11 3.39 -25.82 37.16
CA PRO A 11 2.85 -26.26 35.88
C PRO A 11 2.04 -25.14 35.22
N CYS A 12 2.00 -25.14 33.89
CA CYS A 12 1.14 -24.23 33.16
C CYS A 12 -0.32 -24.50 33.55
N LYS A 13 -1.12 -23.44 33.61
CA LYS A 13 -2.54 -23.57 33.94
C LYS A 13 -3.28 -24.52 32.98
N TYR A 14 -2.84 -24.57 31.73
CA TYR A 14 -3.45 -25.45 30.74
C TYR A 14 -2.78 -26.83 30.71
N ALA A 15 -2.24 -27.26 31.86
CA ALA A 15 -1.60 -28.57 31.96
C ALA A 15 -2.64 -29.68 31.90
N SER A 16 -3.82 -29.41 32.46
CA SER A 16 -4.95 -30.35 32.45
C SER A 16 -5.33 -30.76 31.03
N SER A 17 -5.40 -29.79 30.13
CA SER A 17 -5.72 -30.07 28.73
C SER A 17 -4.46 -30.41 27.91
N GLY A 18 -3.33 -30.67 28.58
CA GLY A 18 -2.18 -31.32 27.94
C GLY A 18 -0.88 -30.55 27.83
N CYS A 19 -0.72 -29.44 28.53
CA CYS A 19 0.57 -28.72 28.53
C CYS A 19 1.55 -29.31 29.55
N GLU A 20 2.66 -29.85 29.05
CA GLU A 20 3.68 -30.45 29.89
C GLU A 20 4.74 -29.47 30.39
N ILE A 21 4.61 -28.20 30.01
CA ILE A 21 5.57 -27.19 30.43
C ILE A 21 5.48 -26.99 31.95
N THR A 22 6.63 -26.77 32.55
CA THR A 22 6.75 -26.50 33.96
C THR A 22 7.76 -25.34 34.09
N LEU A 23 7.38 -24.29 34.81
CA LEU A 23 8.18 -23.07 34.83
C LEU A 23 8.19 -22.33 36.16
N PRO A 24 9.28 -21.60 36.45
CA PRO A 24 9.32 -20.74 37.62
C PRO A 24 8.37 -19.54 37.49
N HIS A 25 7.64 -19.24 38.58
CA HIS A 25 6.59 -18.20 38.58
C HIS A 25 6.89 -16.97 37.76
N THR A 26 8.16 -16.53 37.79
CA THR A 26 8.63 -15.37 37.05
C THR A 26 8.12 -15.33 35.60
N GLU A 27 8.24 -16.45 34.89
CA GLU A 27 7.80 -16.52 33.48
C GLU A 27 6.69 -17.53 33.25
N LYS A 28 5.81 -17.71 34.24
CA LYS A 28 4.64 -18.56 34.06
C LYS A 28 3.60 -17.82 33.24
N ALA A 29 3.23 -16.62 33.71
CA ALA A 29 2.28 -15.76 33.02
C ALA A 29 2.70 -15.45 31.57
N ASP A 30 4.01 -15.33 31.34
CA ASP A 30 4.56 -15.13 30.00
C ASP A 30 4.27 -16.31 29.07
N HIS A 31 4.52 -17.51 29.57
CA HIS A 31 4.21 -18.74 28.82
C HIS A 31 2.73 -18.86 28.60
N GLU A 32 1.92 -18.57 29.62
CA GLU A 32 0.48 -18.86 29.58
C GLU A 32 -0.34 -17.98 28.62
N GLU A 33 0.27 -16.91 28.11
CA GLU A 33 -0.33 -16.11 27.05
C GLU A 33 0.06 -16.66 25.68
N LEU A 34 1.32 -17.09 25.55
CA LEU A 34 1.77 -17.74 24.32
C LEU A 34 1.27 -19.20 24.19
N CYS A 35 0.89 -19.82 25.30
CA CYS A 35 0.63 -21.27 25.31
C CYS A 35 -0.35 -21.68 24.22
N GLU A 36 -0.04 -22.78 23.55
CA GLU A 36 -0.88 -23.29 22.46
C GLU A 36 -2.06 -24.13 22.94
N PHE A 37 -2.03 -24.57 24.20
CA PHE A 37 -3.14 -25.30 24.79
C PHE A 37 -4.19 -24.35 25.37
N ARG A 38 -3.96 -23.05 25.22
CA ARG A 38 -4.95 -22.04 25.59
C ARG A 38 -6.14 -22.21 24.68
N PRO A 39 -7.36 -22.20 25.23
CA PRO A 39 -8.54 -22.29 24.37
C PRO A 39 -8.56 -21.21 23.27
N TYR A 40 -9.19 -21.52 22.16
CA TYR A 40 -9.40 -20.54 21.09
C TYR A 40 -10.70 -19.83 21.38
N SER A 41 -10.73 -18.53 21.12
CA SER A 41 -11.95 -17.73 21.28
C SER A 41 -12.51 -17.44 19.90
N CYS A 42 -13.67 -16.81 19.85
CA CYS A 42 -14.34 -16.55 18.59
C CYS A 42 -13.53 -15.55 17.74
N PRO A 43 -13.22 -15.92 16.48
CA PRO A 43 -12.42 -15.06 15.61
C PRO A 43 -13.21 -14.02 14.77
N CYS A 44 -14.53 -13.97 14.88
CA CYS A 44 -15.33 -12.95 14.17
C CYS A 44 -15.09 -11.57 14.75
N PRO A 45 -15.00 -10.54 13.90
CA PRO A 45 -15.03 -9.13 14.33
C PRO A 45 -16.41 -8.69 14.88
N GLY A 46 -16.44 -7.97 16.00
CA GLY A 46 -17.67 -7.84 16.79
C GLY A 46 -17.77 -9.03 17.75
N ALA A 47 -17.47 -8.80 19.03
CA ALA A 47 -17.39 -9.87 20.03
C ALA A 47 -18.70 -9.99 20.81
N SER A 48 -19.81 -9.64 20.16
CA SER A 48 -21.13 -10.04 20.59
C SER A 48 -21.15 -11.52 20.96
N CYS A 49 -20.26 -12.29 20.31
CA CYS A 49 -20.03 -13.70 20.62
C CYS A 49 -18.85 -13.88 21.60
N LYS A 50 -19.02 -14.76 22.58
CA LYS A 50 -18.00 -15.01 23.59
C LYS A 50 -17.69 -16.50 23.74
N TRP A 51 -17.83 -17.23 22.64
CA TRP A 51 -17.57 -18.66 22.57
C TRP A 51 -16.11 -18.96 22.75
N GLN A 52 -15.83 -20.08 23.41
CA GLN A 52 -14.49 -20.66 23.49
C GLN A 52 -14.59 -22.14 23.12
N GLY A 53 -13.45 -22.76 22.85
CA GLY A 53 -13.42 -24.17 22.45
C GLY A 53 -12.04 -24.59 21.98
N SER A 54 -11.95 -25.82 21.46
CA SER A 54 -10.69 -26.29 20.88
C SER A 54 -10.66 -25.88 19.42
N LEU A 55 -9.47 -25.89 18.85
CA LEU A 55 -9.27 -25.53 17.46
C LEU A 55 -10.16 -26.34 16.52
N ASP A 56 -10.23 -27.66 16.76
CA ASP A 56 -11.15 -28.57 16.05
C ASP A 56 -12.59 -28.06 16.02
N ALA A 57 -12.98 -27.36 17.08
CA ALA A 57 -14.35 -26.88 17.28
C ALA A 57 -14.68 -25.57 16.54
N VAL A 58 -13.65 -24.81 16.18
CA VAL A 58 -13.87 -23.45 15.68
C VAL A 58 -14.71 -23.42 14.41
N MET A 59 -14.24 -24.08 13.35
CA MET A 59 -15.00 -24.13 12.08
C MET A 59 -16.48 -24.50 12.27
N PRO A 60 -16.78 -25.55 13.05
CA PRO A 60 -18.17 -25.83 13.44
C PRO A 60 -18.88 -24.67 14.15
N HIS A 61 -18.17 -23.95 15.03
CA HIS A 61 -18.79 -22.80 15.73
C HIS A 61 -19.25 -21.76 14.75
N LEU A 62 -18.40 -21.46 13.77
CA LEU A 62 -18.74 -20.49 12.74
C LEU A 62 -19.89 -21.01 11.90
N MET A 63 -19.87 -22.31 11.60
CA MET A 63 -20.92 -22.95 10.80
C MET A 63 -22.30 -22.95 11.49
N HIS A 64 -22.33 -22.92 12.83
CA HIS A 64 -23.60 -22.92 13.55
C HIS A 64 -24.02 -21.52 13.91
N GLN A 65 -23.12 -20.75 14.52
CA GLN A 65 -23.46 -19.43 15.08
C GLN A 65 -23.26 -18.23 14.14
N HIS A 66 -22.44 -18.40 13.11
CA HIS A 66 -22.15 -17.31 12.17
C HIS A 66 -22.45 -17.72 10.76
N LYS A 67 -23.68 -18.17 10.54
CA LYS A 67 -24.08 -18.73 9.25
C LYS A 67 -23.90 -17.74 8.10
N SER A 68 -24.06 -16.45 8.39
CA SER A 68 -23.95 -15.40 7.37
C SER A 68 -22.54 -15.21 6.80
N ILE A 69 -21.51 -15.62 7.54
CA ILE A 69 -20.15 -15.72 6.99
C ILE A 69 -20.11 -16.87 5.99
N CYS A 70 -19.81 -16.56 4.74
N CYS A 70 -19.79 -16.57 4.74
CA CYS A 70 -19.79 -17.57 3.67
CA CYS A 70 -19.78 -17.60 3.71
C CYS A 70 -18.38 -17.84 3.16
C CYS A 70 -18.37 -17.86 3.20
N THR A 71 -18.20 -19.00 2.53
CA THR A 71 -16.89 -19.51 2.14
C THR A 71 -16.75 -19.73 0.65
N LEU A 72 -15.52 -19.60 0.16
CA LEU A 72 -15.19 -19.87 -1.24
C LEU A 72 -14.03 -20.85 -1.36
N GLN A 73 -14.15 -21.81 -2.27
CA GLN A 73 -13.07 -22.76 -2.52
C GLN A 73 -12.14 -22.12 -3.56
N GLY A 74 -10.86 -22.02 -3.21
CA GLY A 74 -9.84 -21.58 -4.16
C GLY A 74 -8.64 -20.95 -3.50
N GLU A 75 -7.50 -21.04 -4.16
CA GLU A 75 -6.31 -20.34 -3.69
C GLU A 75 -6.19 -18.94 -4.31
N ASP A 76 -7.04 -18.62 -5.30
CA ASP A 76 -7.12 -17.28 -5.86
C ASP A 76 -8.57 -16.87 -5.99
N ILE A 77 -8.99 -15.84 -5.24
CA ILE A 77 -10.38 -15.38 -5.30
C ILE A 77 -10.45 -13.87 -5.37
N VAL A 78 -11.65 -13.35 -5.49
CA VAL A 78 -11.88 -11.91 -5.35
C VAL A 78 -12.83 -11.70 -4.21
N PHE A 79 -12.37 -10.93 -3.23
CA PHE A 79 -13.17 -10.50 -2.11
C PHE A 79 -13.72 -9.12 -2.49
N LEU A 80 -15.01 -9.09 -2.85
CA LEU A 80 -15.69 -7.89 -3.31
C LEU A 80 -16.51 -7.28 -2.19
N ALA A 81 -15.93 -6.25 -1.55
CA ALA A 81 -16.58 -5.61 -0.42
C ALA A 81 -17.57 -4.59 -0.97
N THR A 82 -18.82 -4.71 -0.56
CA THR A 82 -19.88 -3.87 -1.13
C THR A 82 -20.18 -2.73 -0.18
N ASP A 83 -20.67 -1.63 -0.74
CA ASP A 83 -21.06 -0.47 0.05
C ASP A 83 -19.88 0.08 0.81
N ILE A 84 -18.73 0.13 0.13
CA ILE A 84 -17.48 0.54 0.76
C ILE A 84 -17.59 1.94 1.37
N ASN A 85 -18.44 2.79 0.82
CA ASN A 85 -18.55 4.18 1.27
C ASN A 85 -19.41 4.38 2.53
N LEU A 86 -20.04 3.33 3.05
CA LEU A 86 -20.78 3.43 4.33
C LEU A 86 -19.95 4.15 5.41
N PRO A 87 -20.56 5.10 6.13
CA PRO A 87 -19.77 5.83 7.12
C PRO A 87 -19.71 5.07 8.44
N GLY A 88 -18.65 5.32 9.21
CA GLY A 88 -18.47 4.72 10.53
C GLY A 88 -17.67 3.44 10.52
N ALA A 89 -17.76 2.69 11.62
CA ALA A 89 -16.97 1.47 11.80
C ALA A 89 -17.65 0.27 11.16
N VAL A 90 -17.13 -0.16 10.02
CA VAL A 90 -17.73 -1.24 9.26
C VAL A 90 -16.81 -2.46 9.18
N ASP A 91 -17.42 -3.65 9.13
CA ASP A 91 -16.69 -4.90 8.92
C ASP A 91 -17.16 -5.67 7.70
N TRP A 92 -16.22 -6.28 6.98
CA TRP A 92 -16.54 -7.26 5.95
C TRP A 92 -15.79 -8.52 6.25
N VAL A 93 -16.46 -9.67 6.25
CA VAL A 93 -15.78 -10.95 6.49
C VAL A 93 -16.23 -12.04 5.53
N MET A 94 -15.26 -12.86 5.11
CA MET A 94 -15.57 -14.09 4.41
C MET A 94 -14.42 -15.06 4.60
N MET A 95 -14.65 -16.31 4.18
CA MET A 95 -13.73 -17.40 4.42
C MET A 95 -13.22 -17.92 3.09
N GLN A 96 -11.95 -18.28 3.06
CA GLN A 96 -11.34 -18.84 1.86
C GLN A 96 -10.79 -20.20 2.23
N SER A 97 -11.16 -21.21 1.46
CA SER A 97 -10.73 -22.58 1.71
C SER A 97 -9.74 -23.03 0.65
N CYS A 98 -8.56 -23.43 1.08
CA CYS A 98 -7.55 -23.97 0.17
C CYS A 98 -6.45 -24.66 0.96
N PHE A 99 -5.68 -25.50 0.28
CA PHE A 99 -4.64 -26.32 0.89
C PHE A 99 -5.10 -27.09 2.13
N GLY A 100 -6.38 -27.46 2.19
CA GLY A 100 -6.93 -28.18 3.32
C GLY A 100 -7.28 -27.34 4.53
N PHE A 101 -6.97 -26.05 4.49
CA PHE A 101 -7.24 -25.18 5.62
C PHE A 101 -8.31 -24.18 5.28
N HIS A 102 -8.82 -23.52 6.31
CA HIS A 102 -9.71 -22.39 6.13
C HIS A 102 -9.06 -21.11 6.62
N PHE A 103 -9.25 -20.04 5.84
CA PHE A 103 -8.64 -18.76 6.14
C PHE A 103 -9.74 -17.73 6.30
N MET A 104 -9.56 -16.79 7.22
CA MET A 104 -10.52 -15.71 7.39
C MET A 104 -9.98 -14.43 6.80
N LEU A 105 -10.75 -13.89 5.86
CA LEU A 105 -10.42 -12.65 5.16
C LEU A 105 -11.21 -11.53 5.79
N VAL A 106 -10.51 -10.49 6.24
CA VAL A 106 -11.16 -9.38 6.97
C VAL A 106 -10.81 -8.02 6.42
N LEU A 107 -11.84 -7.18 6.24
CA LEU A 107 -11.68 -5.76 5.94
C LEU A 107 -12.35 -4.95 7.04
N GLU A 108 -11.68 -3.92 7.52
CA GLU A 108 -12.19 -3.09 8.62
C GLU A 108 -12.02 -1.61 8.32
N LYS A 109 -13.15 -0.93 8.14
CA LYS A 109 -13.17 0.52 8.04
C LYS A 109 -13.31 1.07 9.46
N GLN A 110 -12.38 1.93 9.84
CA GLN A 110 -12.31 2.49 11.19
C GLN A 110 -12.75 3.94 11.12
N GLU A 111 -13.27 4.48 12.22
CA GLU A 111 -13.74 5.86 12.26
C GLU A 111 -12.64 6.83 12.72
N LYS A 112 -12.63 8.03 12.15
CA LYS A 112 -11.56 9.02 12.37
C LYS A 112 -12.09 10.40 12.78
N GLN A 117 -11.30 8.60 6.86
CA GLN A 117 -11.23 7.35 7.61
C GLN A 117 -10.39 6.29 6.91
N GLN A 118 -9.93 5.30 7.68
CA GLN A 118 -8.95 4.30 7.23
C GLN A 118 -9.50 2.88 7.11
N PHE A 119 -9.03 2.15 6.10
CA PHE A 119 -9.36 0.74 5.86
C PHE A 119 -8.18 -0.13 6.21
N PHE A 120 -8.46 -1.31 6.76
CA PHE A 120 -7.42 -2.32 7.06
C PHE A 120 -7.84 -3.68 6.56
N ALA A 121 -7.00 -4.31 5.73
CA ALA A 121 -7.28 -5.65 5.19
C ALA A 121 -6.18 -6.66 5.57
N ILE A 122 -6.61 -7.82 6.06
CA ILE A 122 -5.71 -8.81 6.66
C ILE A 122 -6.31 -10.22 6.55
N VAL A 123 -5.44 -11.25 6.56
CA VAL A 123 -5.87 -12.64 6.46
C VAL A 123 -5.36 -13.44 7.67
N GLN A 124 -6.24 -14.21 8.30
CA GLN A 124 -5.81 -15.09 9.39
C GLN A 124 -6.15 -16.56 9.11
N LEU A 125 -5.21 -17.44 9.47
CA LEU A 125 -5.42 -18.87 9.35
C LEU A 125 -6.26 -19.34 10.51
N ILE A 126 -7.23 -20.21 10.22
CA ILE A 126 -7.93 -20.95 11.25
C ILE A 126 -7.06 -22.16 11.51
N GLY A 127 -6.09 -21.96 12.38
CA GLY A 127 -5.04 -22.94 12.66
C GLY A 127 -4.04 -22.35 13.66
N THR A 128 -2.91 -23.04 13.84
CA THR A 128 -1.92 -22.63 14.85
C THR A 128 -0.88 -21.65 14.28
N ARG A 129 -0.11 -21.02 15.17
CA ARG A 129 0.94 -20.10 14.75
C ARG A 129 1.96 -20.79 13.85
N LYS A 130 2.32 -22.02 14.19
CA LYS A 130 3.31 -22.78 13.42
C LYS A 130 2.78 -23.13 12.04
N GLN A 131 1.48 -23.40 11.96
CA GLN A 131 0.85 -23.71 10.69
C GLN A 131 0.79 -22.45 9.83
N ALA A 132 0.40 -21.34 10.45
CA ALA A 132 0.38 -20.04 9.79
C ALA A 132 1.71 -19.68 9.10
N GLU A 133 2.82 -20.17 9.64
CA GLU A 133 4.14 -19.89 9.06
C GLU A 133 4.39 -20.59 7.73
N ASN A 134 3.60 -21.62 7.42
CA ASN A 134 3.72 -22.33 6.15
C ASN A 134 3.13 -21.59 4.97
N PHE A 135 2.42 -20.49 5.25
CA PHE A 135 1.65 -19.81 4.24
C PHE A 135 2.08 -18.37 4.06
N ALA A 136 1.84 -17.90 2.85
CA ALA A 136 1.95 -16.49 2.51
C ALA A 136 0.62 -16.09 1.89
N TYR A 137 0.29 -14.81 1.98
CA TYR A 137 -0.87 -14.31 1.28
C TYR A 137 -0.58 -12.98 0.59
N ARG A 138 -1.24 -12.76 -0.54
CA ARG A 138 -1.18 -11.50 -1.25
C ARG A 138 -2.57 -10.86 -1.26
N LEU A 139 -2.62 -9.58 -0.89
CA LEU A 139 -3.81 -8.75 -1.09
C LEU A 139 -3.46 -7.72 -2.16
N GLU A 140 -4.36 -7.50 -3.10
CA GLU A 140 -4.08 -6.53 -4.15
CA GLU A 140 -4.10 -6.64 -4.26
C GLU A 140 -5.34 -5.81 -4.63
N LEU A 141 -5.19 -4.50 -4.80
CA LEU A 141 -6.24 -3.63 -5.30
C LEU A 141 -5.87 -3.25 -6.73
N ASN A 142 -6.86 -3.27 -7.63
CA ASN A 142 -6.64 -3.07 -9.06
C ASN A 142 -7.50 -2.01 -9.68
N GLY A 143 -6.88 -1.18 -10.52
CA GLY A 143 -7.59 -0.18 -11.30
C GLY A 143 -6.84 0.01 -12.59
N HIS A 144 -7.34 0.87 -13.46
CA HIS A 144 -6.72 1.04 -14.77
C HIS A 144 -5.26 1.42 -14.60
N ARG A 145 -4.38 0.47 -14.90
CA ARG A 145 -2.93 0.69 -14.86
C ARG A 145 -2.44 1.24 -13.50
N ARG A 146 -2.93 0.58 -12.45
CA ARG A 146 -2.71 0.96 -11.07
C ARG A 146 -2.85 -0.30 -10.26
N ARG A 147 -1.89 -0.58 -9.39
CA ARG A 147 -2.02 -1.71 -8.49
C ARG A 147 -1.30 -1.50 -7.17
N LEU A 148 -2.00 -1.78 -6.07
CA LEU A 148 -1.44 -1.70 -4.72
C LEU A 148 -1.45 -3.10 -4.13
N THR A 149 -0.29 -3.55 -3.65
CA THR A 149 -0.14 -4.93 -3.20
C THR A 149 0.40 -5.00 -1.77
N TRP A 150 -0.11 -5.95 -1.03
CA TRP A 150 0.40 -6.30 0.30
C TRP A 150 0.68 -7.78 0.35
N GLU A 151 1.78 -8.15 0.98
CA GLU A 151 2.21 -9.54 1.08
C GLU A 151 2.77 -9.76 2.46
N ALA A 152 2.28 -10.79 3.13
CA ALA A 152 2.71 -11.06 4.49
C ALA A 152 2.40 -12.51 4.89
N THR A 153 2.72 -12.86 6.13
CA THR A 153 2.38 -14.18 6.64
C THR A 153 1.06 -14.03 7.35
N PRO A 154 0.12 -14.96 7.11
CA PRO A 154 -1.15 -14.83 7.83
C PRO A 154 -0.98 -15.09 9.31
N ARG A 155 -1.80 -14.43 10.11
CA ARG A 155 -1.76 -14.59 11.55
C ARG A 155 -2.60 -15.79 11.87
N SER A 156 -2.23 -16.50 12.93
CA SER A 156 -3.08 -17.55 13.47
C SER A 156 -4.19 -16.86 14.24
N ILE A 157 -5.41 -17.39 14.14
CA ILE A 157 -6.52 -16.88 14.96
C ILE A 157 -6.18 -16.93 16.44
N HIS A 158 -5.26 -17.82 16.79
CA HIS A 158 -4.72 -17.90 18.15
C HIS A 158 -4.22 -16.56 18.58
N GLU A 159 -3.46 -15.90 17.68
CA GLU A 159 -2.90 -14.58 17.96
C GLU A 159 -3.93 -13.49 17.74
N GLY A 160 -4.78 -13.68 16.73
CA GLY A 160 -5.77 -12.66 16.37
C GLY A 160 -5.16 -11.60 15.49
N ILE A 161 -5.97 -10.61 15.11
CA ILE A 161 -5.53 -9.56 14.19
C ILE A 161 -5.51 -8.14 14.79
N ALA A 162 -6.12 -7.96 15.98
CA ALA A 162 -6.28 -6.63 16.58
C ALA A 162 -4.98 -5.84 16.78
N THR A 163 -3.91 -6.50 17.23
CA THR A 163 -2.65 -5.76 17.43
C THR A 163 -1.95 -5.49 16.09
N ALA A 164 -2.04 -6.45 15.15
CA ALA A 164 -1.54 -6.25 13.78
C ALA A 164 -2.14 -4.99 13.18
N ILE A 165 -3.47 -4.92 13.24
CA ILE A 165 -4.20 -3.78 12.73
C ILE A 165 -3.78 -2.47 13.42
N MET A 166 -3.63 -2.49 14.74
CA MET A 166 -3.18 -1.28 15.44
C MET A 166 -1.81 -0.82 14.93
N ASN A 167 -0.91 -1.78 14.70
CA ASN A 167 0.44 -1.47 14.23
C ASN A 167 0.54 -1.25 12.72
N SER A 168 -0.60 -1.15 12.04
CA SER A 168 -0.64 -1.00 10.59
C SER A 168 0.10 -2.15 9.87
N ASP A 169 0.12 -3.34 10.49
CA ASP A 169 0.85 -4.50 9.94
C ASP A 169 -0.10 -5.31 9.09
N CYS A 170 -0.44 -4.73 7.95
CA CYS A 170 -1.43 -5.27 7.03
C CYS A 170 -1.56 -4.26 5.88
N LEU A 171 -2.44 -4.53 4.92
CA LEU A 171 -2.75 -3.55 3.91
C LEU A 171 -3.53 -2.42 4.56
N VAL A 172 -3.06 -1.19 4.39
CA VAL A 172 -3.75 0.00 4.91
C VAL A 172 -4.01 1.02 3.82
N PHE A 173 -5.23 1.55 3.78
CA PHE A 173 -5.57 2.61 2.84
C PHE A 173 -6.73 3.47 3.31
N ASP A 174 -6.82 4.67 2.75
CA ASP A 174 -7.80 5.66 3.18
C ASP A 174 -8.94 5.70 2.17
N THR A 175 -9.97 6.51 2.47
CA THR A 175 -11.12 6.60 1.59
C THR A 175 -10.77 7.12 0.19
N SER A 176 -9.75 7.98 0.10
CA SER A 176 -9.40 8.55 -1.21
C SER A 176 -8.71 7.51 -2.10
N ILE A 177 -7.84 6.68 -1.51
CA ILE A 177 -7.25 5.53 -2.21
C ILE A 177 -8.36 4.57 -2.64
N ALA A 178 -9.32 4.33 -1.76
CA ALA A 178 -10.50 3.52 -2.10
C ALA A 178 -11.17 3.95 -3.43
N GLN A 179 -11.29 5.25 -3.65
CA GLN A 179 -12.01 5.75 -4.84
C GLN A 179 -11.25 5.48 -6.13
N LEU A 180 -9.92 5.39 -6.07
CA LEU A 180 -9.15 5.03 -7.27
C LEU A 180 -9.40 3.59 -7.72
N PHE A 181 -9.91 2.76 -6.81
CA PHE A 181 -10.08 1.33 -7.08
C PHE A 181 -11.52 0.85 -7.03
N ALA A 182 -12.41 1.62 -6.41
CA ALA A 182 -13.81 1.22 -6.27
C ALA A 182 -14.60 1.44 -7.57
N GLU A 183 -15.46 0.48 -7.88
CA GLU A 183 -16.43 0.53 -8.97
C GLU A 183 -17.84 0.47 -8.37
N ASN A 184 -18.64 1.51 -8.59
CA ASN A 184 -20.02 1.57 -8.10
C ASN A 184 -20.18 1.41 -6.59
N GLY A 185 -19.20 1.90 -5.83
CA GLY A 185 -19.25 1.86 -4.37
C GLY A 185 -18.82 0.52 -3.78
N ASN A 186 -18.31 -0.36 -4.65
CA ASN A 186 -17.83 -1.68 -4.27
C ASN A 186 -16.34 -1.79 -4.55
N LEU A 187 -15.60 -2.44 -3.64
CA LEU A 187 -14.15 -2.65 -3.82
C LEU A 187 -13.78 -4.13 -3.93
N GLY A 188 -13.07 -4.45 -5.00
CA GLY A 188 -12.62 -5.80 -5.27
C GLY A 188 -11.20 -5.97 -4.82
N ILE A 189 -11.03 -6.80 -3.78
CA ILE A 189 -9.71 -7.20 -3.29
C ILE A 189 -9.39 -8.60 -3.81
N ASN A 190 -8.24 -8.70 -4.48
CA ASN A 190 -7.72 -9.95 -4.98
C ASN A 190 -6.91 -10.61 -3.88
N VAL A 191 -7.41 -11.73 -3.37
CA VAL A 191 -6.72 -12.46 -2.31
C VAL A 191 -6.13 -13.72 -2.89
N THR A 192 -4.84 -13.93 -2.64
CA THR A 192 -4.15 -15.12 -3.12
C THR A 192 -3.33 -15.71 -2.00
N ILE A 193 -3.48 -17.02 -1.81
CA ILE A 193 -2.80 -17.73 -0.75
C ILE A 193 -1.88 -18.78 -1.36
N SER A 194 -0.77 -19.04 -0.69
CA SER A 194 0.23 -19.97 -1.22
C SER A 194 1.05 -20.56 -0.10
N MET A 195 1.78 -21.63 -0.42
CA MET A 195 2.64 -22.28 0.55
C MET A 195 4.09 -21.92 0.36
N CYS A 196 4.90 -22.11 1.40
CA CYS A 196 6.31 -21.75 1.38
C CYS A 196 7.11 -22.51 2.46
N LYS B 2 -5.38 -15.69 -13.05
CA LYS B 2 -5.89 -17.08 -12.90
C LYS B 2 -7.41 -17.13 -12.84
N LEU B 3 -7.96 -18.35 -12.92
CA LEU B 3 -9.40 -18.58 -12.77
C LEU B 3 -9.83 -18.18 -11.34
N ARG B 4 -10.62 -17.12 -11.24
CA ARG B 4 -10.88 -16.44 -9.96
C ARG B 4 -12.38 -16.38 -9.66
N PRO B 5 -12.85 -17.15 -8.67
CA PRO B 5 -14.23 -16.94 -8.20
C PRO B 5 -14.38 -15.62 -7.46
N VAL B 6 -15.43 -14.89 -7.78
CA VAL B 6 -15.71 -13.60 -7.16
C VAL B 6 -16.80 -13.82 -6.13
N 23P B 7 -16.62 -13.25 -4.94
N 23P B 7 -16.61 -13.27 -4.93
CA 23P B 7 -17.65 -13.33 -3.90
CA 23P B 7 -17.62 -13.32 -3.90
CB 23P B 7 -17.20 -14.27 -2.80
CB 23P B 7 -17.18 -14.16 -2.71
NG 23P B 7 -18.09 -14.15 -1.67
NG 23P B 7 -18.25 -14.07 -1.76
CD 23P B 7 -19.04 -15.04 -1.42
CD 23P B 7 -19.19 -15.00 -1.72
CE 23P B 7 -19.85 -14.76 -0.19
CE 23P B 7 -20.26 -14.80 -0.68
CZ 23P B 7 -19.17 -15.53 0.92
CZ 23P B 7 -20.39 -16.10 0.07
C 23P B 7 -17.97 -11.97 -3.35
C 23P B 7 -17.97 -11.95 -3.38
O 23P B 7 -17.08 -11.20 -3.00
O 23P B 7 -17.08 -11.15 -3.10
OE 23P B 7 -19.25 -16.04 -2.09
OE 23P B 7 -19.20 -16.00 -2.43
N MET B 8 -19.26 -11.68 -3.26
CA MET B 8 -19.75 -10.39 -2.81
C MET B 8 -19.89 -10.50 -1.31
N VAL B 9 -19.33 -9.55 -0.58
CA VAL B 9 -19.41 -9.53 0.88
C VAL B 9 -20.14 -8.29 1.38
N ARG B 10 -21.17 -8.55 2.17
CA ARG B 10 -22.06 -7.52 2.66
C ARG B 10 -21.48 -6.97 3.95
N PRO B 11 -21.54 -5.64 4.12
CA PRO B 11 -20.96 -5.03 5.31
C PRO B 11 -21.80 -5.20 6.57
N TRP B 12 -21.14 -5.14 7.71
CA TRP B 12 -21.77 -5.09 9.01
C TRP B 12 -21.30 -3.86 9.72
N VAL B 13 -22.24 -3.06 10.20
CA VAL B 13 -21.91 -1.85 10.95
C VAL B 13 -21.82 -2.19 12.43
N ARG B 14 -20.79 -1.68 13.10
CA ARG B 14 -20.67 -1.79 14.55
C ARG B 14 -21.48 -0.68 15.20
N ALA C 5 -17.54 37.58 -38.10
CA ALA C 5 -18.32 37.10 -39.28
C ALA C 5 -19.47 36.21 -38.82
N ASN C 6 -19.50 34.95 -39.24
CA ASN C 6 -20.41 33.96 -38.64
C ASN C 6 -20.00 33.68 -37.18
N SER C 7 -18.95 32.88 -36.99
CA SER C 7 -18.30 32.73 -35.69
C SER C 7 -16.80 32.85 -35.92
N VAL C 8 -15.99 32.54 -34.92
CA VAL C 8 -14.54 32.68 -35.03
C VAL C 8 -13.81 31.69 -34.14
N LEU C 9 -12.80 31.02 -34.72
CA LEU C 9 -11.91 30.14 -33.97
C LEU C 9 -10.73 30.97 -33.49
N PHE C 10 -10.37 30.79 -32.22
CA PHE C 10 -9.27 31.53 -31.61
C PHE C 10 -8.07 30.60 -31.47
N PRO C 11 -6.85 31.16 -31.51
CA PRO C 11 -5.65 30.37 -31.42
C PRO C 11 -5.30 29.99 -29.96
N CYS C 12 -4.54 28.92 -29.79
CA CYS C 12 -4.03 28.51 -28.49
C CYS C 12 -3.02 29.54 -27.96
N LYS C 13 -2.98 29.70 -26.65
CA LYS C 13 -2.08 30.67 -26.01
C LYS C 13 -0.60 30.34 -26.17
N TYR C 14 -0.30 29.12 -26.61
CA TYR C 14 1.09 28.71 -26.86
C TYR C 14 1.39 28.71 -28.36
N ALA C 15 0.62 29.47 -29.13
CA ALA C 15 0.90 29.62 -30.57
C ALA C 15 2.27 30.29 -30.78
N SER C 16 2.66 31.15 -29.84
CA SER C 16 4.02 31.70 -29.82
C SER C 16 5.11 30.63 -29.92
N SER C 17 4.92 29.51 -29.21
CA SER C 17 5.92 28.44 -29.18
C SER C 17 5.63 27.30 -30.17
N GLY C 18 4.62 27.48 -31.04
CA GLY C 18 4.44 26.56 -32.18
C GLY C 18 3.10 25.84 -32.32
N CYS C 19 2.23 25.93 -31.31
CA CYS C 19 0.91 25.33 -31.44
C CYS C 19 0.17 26.07 -32.53
N GLU C 20 -0.37 25.31 -33.48
CA GLU C 20 -1.18 25.90 -34.54
C GLU C 20 -2.62 25.38 -34.49
N ILE C 21 -3.08 25.03 -33.30
CA ILE C 21 -4.48 24.72 -33.06
C ILE C 21 -5.26 26.01 -32.90
N THR C 22 -6.41 26.06 -33.56
CA THR C 22 -7.33 27.16 -33.40
C THR C 22 -8.70 26.57 -32.98
N LEU C 23 -9.32 27.14 -31.95
CA LEU C 23 -10.51 26.54 -31.32
C LEU C 23 -11.64 27.53 -31.00
N PRO C 24 -12.88 27.01 -30.87
CA PRO C 24 -13.96 27.81 -30.28
C PRO C 24 -13.65 28.20 -28.84
N HIS C 25 -14.20 29.32 -28.37
CA HIS C 25 -13.82 29.91 -27.08
C HIS C 25 -14.06 29.00 -25.89
N THR C 26 -15.08 28.15 -25.95
CA THR C 26 -15.41 27.26 -24.83
C THR C 26 -14.40 26.14 -24.65
N GLU C 27 -13.80 25.71 -25.76
CA GLU C 27 -12.85 24.59 -25.75
C GLU C 27 -11.41 25.08 -25.61
N LYS C 28 -11.22 26.39 -25.62
CA LYS C 28 -9.89 26.99 -25.56
C LYS C 28 -9.16 26.61 -24.27
N ALA C 29 -9.82 26.81 -23.13
CA ALA C 29 -9.22 26.51 -21.83
C ALA C 29 -8.80 25.04 -21.73
N ASP C 30 -9.70 24.15 -22.13
CA ASP C 30 -9.47 22.70 -22.04
C ASP C 30 -8.24 22.23 -22.83
N HIS C 31 -8.05 22.79 -24.02
CA HIS C 31 -6.86 22.48 -24.83
C HIS C 31 -5.59 22.99 -24.20
N GLU C 32 -5.67 24.15 -23.55
CA GLU C 32 -4.47 24.87 -23.15
C GLU C 32 -3.70 24.22 -22.00
N GLU C 33 -4.38 23.43 -21.17
CA GLU C 33 -3.67 22.64 -20.16
C GLU C 33 -2.97 21.47 -20.83
N LEU C 34 -3.72 20.71 -21.60
CA LEU C 34 -3.21 19.51 -22.24
C LEU C 34 -2.25 19.76 -23.42
N CYS C 35 -2.14 21.01 -23.89
CA CYS C 35 -1.31 21.29 -25.08
C CYS C 35 0.16 20.96 -24.84
N GLU C 36 0.76 20.27 -25.79
CA GLU C 36 2.17 19.86 -25.71
C GLU C 36 3.16 21.05 -25.73
N PHE C 37 2.71 22.19 -26.24
CA PHE C 37 3.58 23.37 -26.37
C PHE C 37 3.73 24.21 -25.11
N ARG C 38 2.86 23.97 -24.12
CA ARG C 38 3.02 24.61 -22.82
C ARG C 38 4.42 24.36 -22.30
N PRO C 39 5.11 25.42 -21.82
CA PRO C 39 6.48 25.23 -21.33
C PRO C 39 6.52 24.41 -20.05
N TYR C 40 7.61 23.66 -19.89
CA TYR C 40 7.78 22.75 -18.77
C TYR C 40 8.31 23.54 -17.60
N SER C 41 7.66 23.44 -16.43
CA SER C 41 8.14 24.12 -15.21
C SER C 41 9.27 23.32 -14.54
N CYS C 42 9.87 23.86 -13.49
CA CYS C 42 10.94 23.15 -12.82
C CYS C 42 10.38 21.99 -12.00
N PRO C 43 10.75 20.75 -12.33
CA PRO C 43 10.16 19.55 -11.72
C PRO C 43 10.60 19.24 -10.27
N CYS C 44 11.60 19.95 -9.75
CA CYS C 44 11.93 19.83 -8.33
C CYS C 44 10.71 20.13 -7.48
N PRO C 45 10.57 19.44 -6.34
CA PRO C 45 9.38 19.65 -5.51
C PRO C 45 9.31 21.05 -4.90
N GLY C 46 8.12 21.66 -4.99
CA GLY C 46 7.86 23.00 -4.45
C GLY C 46 7.81 24.09 -5.50
N ALA C 47 7.55 25.32 -5.05
CA ALA C 47 7.66 26.53 -5.89
C ALA C 47 9.02 27.21 -5.68
N SER C 48 9.96 26.47 -5.10
CA SER C 48 11.34 26.92 -4.85
C SER C 48 11.95 27.61 -6.07
N CYS C 49 11.95 26.89 -7.19
CA CYS C 49 12.64 27.29 -8.41
C CYS C 49 11.64 27.69 -9.49
N LYS C 50 11.67 28.95 -9.89
CA LYS C 50 10.66 29.53 -10.79
C LYS C 50 10.88 29.21 -12.28
N TRP C 51 12.01 28.58 -12.59
CA TRP C 51 12.39 28.24 -13.98
C TRP C 51 11.31 27.61 -14.81
N GLN C 52 11.26 27.99 -16.08
CA GLN C 52 10.47 27.31 -17.11
C GLN C 52 11.30 27.15 -18.37
N GLY C 53 10.75 26.47 -19.36
CA GLY C 53 11.46 26.22 -20.61
C GLY C 53 10.97 24.99 -21.33
N SER C 54 11.77 24.53 -22.30
CA SER C 54 11.40 23.40 -23.15
C SER C 54 11.90 22.10 -22.54
N LEU C 55 11.28 20.99 -22.94
CA LEU C 55 11.59 19.67 -22.41
C LEU C 55 13.09 19.35 -22.40
N ASP C 56 13.75 19.63 -23.53
CA ASP C 56 15.18 19.32 -23.67
C ASP C 56 16.09 20.31 -22.92
N ALA C 57 15.51 21.40 -22.42
CA ALA C 57 16.24 22.32 -21.54
C ALA C 57 16.29 21.83 -20.09
N VAL C 58 15.36 20.94 -19.72
CA VAL C 58 15.11 20.59 -18.32
C VAL C 58 16.26 19.82 -17.67
N MET C 59 16.82 18.84 -18.35
CA MET C 59 17.96 18.12 -17.77
C MET C 59 19.15 19.07 -17.57
N PRO C 60 19.51 19.85 -18.61
CA PRO C 60 20.51 20.90 -18.42
C PRO C 60 20.23 21.82 -17.23
N HIS C 61 18.98 22.22 -17.05
CA HIS C 61 18.61 23.10 -15.94
C HIS C 61 18.80 22.44 -14.60
N LEU C 62 18.45 21.16 -14.51
CA LEU C 62 18.71 20.38 -13.30
C LEU C 62 20.22 20.26 -13.08
N MET C 63 20.94 19.72 -14.08
CA MET C 63 22.39 19.53 -14.02
C MET C 63 23.15 20.78 -13.57
N HIS C 64 22.74 21.95 -14.05
CA HIS C 64 23.43 23.19 -13.73
C HIS C 64 22.87 23.87 -12.49
N GLN C 65 21.55 23.96 -12.37
CA GLN C 65 20.94 24.71 -11.26
C GLN C 65 20.56 23.91 -10.00
N HIS C 66 20.59 22.57 -10.06
CA HIS C 66 20.29 21.73 -8.89
C HIS C 66 21.29 20.62 -8.77
N LYS C 67 22.55 20.97 -8.54
CA LYS C 67 23.65 19.99 -8.59
C LYS C 67 23.58 18.94 -7.47
N SER C 68 22.83 19.22 -6.42
CA SER C 68 22.74 18.31 -5.27
C SER C 68 21.87 17.07 -5.53
N ILE C 69 21.11 17.09 -6.63
CA ILE C 69 20.30 15.96 -7.02
C ILE C 69 21.18 14.96 -7.76
N CYS C 70 21.59 13.90 -7.08
N CYS C 70 21.57 13.90 -7.09
CA CYS C 70 22.47 12.89 -7.66
CA CYS C 70 22.45 12.90 -7.67
C CYS C 70 21.64 11.84 -8.41
C CYS C 70 21.63 11.86 -8.44
N THR C 71 22.28 11.19 -9.38
CA THR C 71 21.61 10.26 -10.30
C THR C 71 22.25 8.88 -10.29
N LEU C 72 21.42 7.84 -10.43
CA LEU C 72 21.90 6.46 -10.54
C LEU C 72 21.51 5.86 -11.88
N GLN C 73 22.46 5.15 -12.49
CA GLN C 73 22.19 4.40 -13.71
C GLN C 73 21.60 3.06 -13.31
N GLY C 74 20.62 2.61 -14.09
CA GLY C 74 20.02 1.29 -13.89
C GLY C 74 18.50 1.34 -13.88
N GLU C 75 17.89 0.25 -14.31
CA GLU C 75 16.44 0.14 -14.29
C GLU C 75 15.94 -0.43 -12.96
N ASP C 76 16.86 -0.66 -12.03
CA ASP C 76 16.53 -1.40 -10.81
C ASP C 76 17.42 -0.94 -9.66
N ILE C 77 16.90 -0.09 -8.78
CA ILE C 77 17.73 0.53 -7.72
C ILE C 77 17.05 0.59 -6.35
N VAL C 78 17.85 0.88 -5.32
CA VAL C 78 17.30 1.23 -4.00
C VAL C 78 17.42 2.74 -3.73
N PHE C 79 16.29 3.32 -3.39
CA PHE C 79 16.18 4.72 -3.00
C PHE C 79 16.21 4.71 -1.48
N LEU C 80 17.39 4.95 -0.90
CA LEU C 80 17.53 4.92 0.56
C LEU C 80 17.30 6.30 1.15
N ALA C 81 16.05 6.58 1.50
CA ALA C 81 15.70 7.85 2.13
C ALA C 81 16.21 7.85 3.57
N THR C 82 17.16 8.73 3.87
CA THR C 82 17.77 8.78 5.19
C THR C 82 16.98 9.69 6.12
N ASP C 83 17.11 9.45 7.41
CA ASP C 83 16.49 10.29 8.45
C ASP C 83 15.00 10.49 8.22
N ILE C 84 14.27 9.39 8.12
CA ILE C 84 12.86 9.44 7.77
C ILE C 84 11.96 9.91 8.90
N ASN C 85 12.46 9.83 10.14
CA ASN C 85 11.70 10.30 11.30
C ASN C 85 11.76 11.81 11.50
N LEU C 86 12.52 12.52 10.68
CA LEU C 86 12.64 13.97 10.82
C LEU C 86 11.26 14.63 10.78
N PRO C 87 10.98 15.52 11.74
CA PRO C 87 9.65 16.11 11.80
C PRO C 87 9.46 17.18 10.73
N GLY C 88 8.20 17.52 10.45
CA GLY C 88 7.88 18.59 9.52
C GLY C 88 7.62 18.11 8.12
N ALA C 89 7.33 19.07 7.23
CA ALA C 89 7.14 18.79 5.81
C ALA C 89 8.52 18.66 5.16
N VAL C 90 8.86 17.43 4.77
CA VAL C 90 10.19 17.12 4.24
C VAL C 90 10.07 16.52 2.83
N ASP C 91 11.15 16.61 2.07
CA ASP C 91 11.21 16.03 0.73
C ASP C 91 12.48 15.23 0.50
N TRP C 92 12.38 14.16 -0.30
CA TRP C 92 13.57 13.47 -0.82
C TRP C 92 13.46 13.34 -2.31
N VAL C 93 14.59 13.52 -3.00
CA VAL C 93 14.61 13.47 -4.47
C VAL C 93 15.92 12.93 -5.02
N MET C 94 15.81 12.04 -5.99
CA MET C 94 16.99 11.60 -6.75
C MET C 94 16.57 11.27 -8.18
N MET C 95 17.56 11.00 -9.01
CA MET C 95 17.31 10.68 -10.41
C MET C 95 17.68 9.24 -10.72
N GLN C 96 16.87 8.62 -11.56
CA GLN C 96 17.15 7.28 -12.07
C GLN C 96 17.21 7.37 -13.59
N SER C 97 18.31 6.89 -14.17
CA SER C 97 18.52 6.92 -15.61
C SER C 97 18.53 5.51 -16.19
N CYS C 98 17.64 5.25 -17.13
CA CYS C 98 17.53 3.95 -17.78
C CYS C 98 16.72 4.09 -19.06
N PHE C 99 16.92 3.18 -20.00
CA PHE C 99 16.20 3.21 -21.28
C PHE C 99 16.39 4.51 -22.07
N GLY C 100 17.51 5.19 -21.86
CA GLY C 100 17.77 6.48 -22.53
C GLY C 100 16.95 7.66 -22.01
N PHE C 101 16.25 7.48 -20.90
CA PHE C 101 15.50 8.57 -20.28
C PHE C 101 15.97 8.82 -18.86
N HIS C 102 15.48 9.90 -18.28
CA HIS C 102 15.68 10.18 -16.87
C HIS C 102 14.37 10.26 -16.16
N PHE C 103 14.34 9.68 -14.97
CA PHE C 103 13.18 9.71 -14.12
C PHE C 103 13.55 10.38 -12.81
N MET C 104 12.62 11.16 -12.27
CA MET C 104 12.78 11.76 -10.96
C MET C 104 11.97 10.95 -9.95
N LEU C 105 12.65 10.38 -8.96
CA LEU C 105 12.01 9.65 -7.87
C LEU C 105 11.81 10.61 -6.69
N VAL C 106 10.58 10.72 -6.20
CA VAL C 106 10.22 11.69 -5.16
C VAL C 106 9.46 11.07 -3.99
N LEU C 107 9.99 11.25 -2.79
CA LEU C 107 9.29 10.94 -1.54
C LEU C 107 8.98 12.25 -0.84
N GLU C 108 7.72 12.42 -0.44
CA GLU C 108 7.26 13.65 0.22
C GLU C 108 6.54 13.34 1.53
N LYS C 109 7.11 13.83 2.64
CA LYS C 109 6.45 13.74 3.95
C LYS C 109 5.63 14.99 4.23
N GLN C 110 4.33 14.82 4.44
CA GLN C 110 3.45 15.94 4.74
C GLN C 110 3.15 15.99 6.23
N GLU C 111 2.83 17.18 6.74
CA GLU C 111 2.44 17.36 8.13
C GLU C 111 1.11 18.12 8.21
N LYS C 112 0.52 18.18 9.40
CA LYS C 112 -0.85 18.65 9.60
C LYS C 112 -0.98 19.56 10.81
N GLY C 115 -1.17 17.50 14.15
CA GLY C 115 0.10 16.87 14.56
C GLY C 115 0.45 15.57 13.84
N HIS C 116 -0.25 15.27 12.75
CA HIS C 116 -0.16 13.97 12.06
C HIS C 116 0.77 14.02 10.86
N GLN C 117 1.36 12.87 10.49
CA GLN C 117 2.34 12.78 9.39
C GLN C 117 2.09 11.66 8.36
N GLN C 118 2.04 12.02 7.07
CA GLN C 118 1.87 11.06 5.96
C GLN C 118 2.99 11.12 4.91
N PHE C 119 3.32 9.97 4.32
CA PHE C 119 4.31 9.85 3.26
C PHE C 119 3.65 9.59 1.90
N PHE C 120 4.22 10.17 0.85
CA PHE C 120 3.78 9.92 -0.52
C PHE C 120 5.00 9.65 -1.39
N ALA C 121 5.00 8.54 -2.12
CA ALA C 121 6.12 8.24 -3.03
C ALA C 121 5.60 8.09 -4.45
N ILE C 122 6.34 8.61 -5.42
CA ILE C 122 5.85 8.70 -6.80
C ILE C 122 7.04 8.88 -7.73
N VAL C 123 6.94 8.32 -8.93
CA VAL C 123 7.97 8.47 -9.98
C VAL C 123 7.41 9.29 -11.17
N GLN C 124 8.19 10.24 -11.68
CA GLN C 124 7.76 11.01 -12.85
C GLN C 124 8.82 11.01 -13.94
N LEU C 125 8.38 10.90 -15.20
CA LEU C 125 9.28 10.85 -16.36
C LEU C 125 9.66 12.25 -16.79
N ILE C 126 10.95 12.44 -17.05
CA ILE C 126 11.44 13.65 -17.70
C ILE C 126 11.21 13.46 -19.20
N GLY C 127 9.98 13.73 -19.63
CA GLY C 127 9.53 13.46 -21.00
C GLY C 127 8.04 13.77 -21.15
N THR C 128 7.49 13.52 -22.33
CA THR C 128 6.10 13.92 -22.63
C THR C 128 5.11 12.98 -21.95
N ARG C 129 3.82 13.30 -22.07
CA ARG C 129 2.78 12.43 -21.52
C ARG C 129 2.71 11.11 -22.26
N LYS C 130 2.68 11.18 -23.59
CA LYS C 130 2.71 9.99 -24.45
C LYS C 130 3.93 9.13 -24.13
N GLN C 131 5.07 9.77 -23.92
CA GLN C 131 6.31 9.06 -23.58
C GLN C 131 6.18 8.29 -22.27
N ALA C 132 5.53 8.90 -21.28
CA ALA C 132 5.30 8.25 -19.99
C ALA C 132 4.48 6.97 -20.10
N GLU C 133 3.57 6.90 -21.07
CA GLU C 133 2.70 5.73 -21.21
C GLU C 133 3.45 4.47 -21.60
N ASN C 134 4.66 4.64 -22.14
CA ASN C 134 5.48 3.50 -22.55
C ASN C 134 6.14 2.79 -21.39
N PHE C 135 6.08 3.40 -20.20
CA PHE C 135 6.76 2.88 -19.02
C PHE C 135 5.82 2.53 -17.88
N ALA C 136 6.36 1.73 -16.98
CA ALA C 136 5.71 1.35 -15.75
C ALA C 136 6.77 1.42 -14.68
N TYR C 137 6.36 1.74 -13.45
CA TYR C 137 7.27 1.71 -12.32
C TYR C 137 6.67 0.94 -11.16
N ARG C 138 7.58 0.39 -10.35
CA ARG C 138 7.21 -0.31 -9.14
C ARG C 138 8.01 0.24 -7.97
N LEU C 139 7.30 0.63 -6.91
CA LEU C 139 7.94 0.99 -5.65
C LEU C 139 7.59 -0.12 -4.69
N GLU C 140 8.58 -0.65 -3.97
CA GLU C 140 8.27 -1.61 -2.91
C GLU C 140 9.05 -1.33 -1.64
N LEU C 141 8.35 -1.48 -0.52
CA LEU C 141 8.97 -1.48 0.81
C LEU C 141 9.07 -2.94 1.27
N ASN C 142 10.23 -3.34 1.76
CA ASN C 142 10.48 -4.74 2.13
C ASN C 142 10.92 -4.85 3.56
N GLY C 143 10.18 -5.66 4.33
CA GLY C 143 10.56 -6.01 5.69
C GLY C 143 10.72 -7.51 5.83
N HIS C 144 10.80 -8.00 7.06
CA HIS C 144 10.87 -9.43 7.29
C HIS C 144 9.52 -10.04 7.02
N ARG C 145 9.42 -10.76 5.90
CA ARG C 145 8.18 -11.42 5.47
C ARG C 145 6.98 -10.45 5.43
N ARG C 146 7.27 -9.31 4.81
CA ARG C 146 6.35 -8.21 4.64
C ARG C 146 6.75 -7.52 3.33
N ARG C 147 5.75 -7.11 2.56
CA ARG C 147 6.02 -6.29 1.39
C ARG C 147 4.83 -5.44 1.00
N LEU C 148 5.05 -4.13 0.88
CA LEU C 148 4.07 -3.20 0.33
C LEU C 148 4.56 -2.78 -1.03
N THR C 149 3.71 -2.93 -2.05
CA THR C 149 4.09 -2.61 -3.42
C THR C 149 3.07 -1.72 -4.10
N TRP C 150 3.59 -0.72 -4.82
CA TRP C 150 2.79 0.16 -5.68
C TRP C 150 3.33 0.09 -7.07
N GLU C 151 2.43 -0.07 -8.04
CA GLU C 151 2.79 -0.12 -9.45
C GLU C 151 1.87 0.79 -10.24
N ALA C 152 2.47 1.61 -11.10
CA ALA C 152 1.71 2.62 -11.83
C ALA C 152 2.48 3.09 -13.06
N THR C 153 1.83 3.92 -13.86
CA THR C 153 2.47 4.57 -14.99
C THR C 153 3.02 5.88 -14.48
N PRO C 154 4.29 6.17 -14.77
CA PRO C 154 4.83 7.42 -14.25
C PRO C 154 4.12 8.63 -14.85
N ARG C 155 4.06 9.70 -14.07
CA ARG C 155 3.53 10.95 -14.56
C ARG C 155 4.62 11.60 -15.36
N SER C 156 4.23 12.30 -16.43
CA SER C 156 5.16 13.17 -17.13
C SER C 156 5.34 14.39 -16.23
N ILE C 157 6.55 14.96 -16.24
CA ILE C 157 6.78 16.22 -15.53
C ILE C 157 5.87 17.33 -16.05
N HIS C 158 5.47 17.21 -17.32
CA HIS C 158 4.50 18.12 -17.93
C HIS C 158 3.23 18.23 -17.11
N GLU C 159 2.77 17.10 -16.56
CA GLU C 159 1.58 17.08 -15.70
C GLU C 159 1.92 17.40 -14.25
N GLY C 160 3.13 17.04 -13.82
CA GLY C 160 3.52 17.17 -12.43
C GLY C 160 2.89 16.09 -11.54
N ILE C 161 3.24 16.15 -10.25
CA ILE C 161 2.80 15.14 -9.29
C ILE C 161 1.86 15.71 -8.21
N ALA C 162 1.64 17.01 -8.22
CA ALA C 162 0.75 17.64 -7.26
C ALA C 162 -0.64 17.01 -7.29
N THR C 163 -1.18 16.81 -8.48
CA THR C 163 -2.53 16.22 -8.65
C THR C 163 -2.64 14.78 -8.13
N ALA C 164 -1.65 13.95 -8.44
CA ALA C 164 -1.66 12.57 -8.00
C ALA C 164 -1.62 12.52 -6.48
N ILE C 165 -0.67 13.25 -5.90
CA ILE C 165 -0.50 13.26 -4.44
C ILE C 165 -1.77 13.70 -3.73
N MET C 166 -2.34 14.82 -4.19
CA MET C 166 -3.64 15.28 -3.69
C MET C 166 -4.71 14.17 -3.72
N ASN C 167 -4.68 13.33 -4.76
CA ASN C 167 -5.67 12.25 -4.96
C ASN C 167 -5.24 10.90 -4.38
N SER C 168 -4.07 10.87 -3.74
CA SER C 168 -3.44 9.65 -3.25
C SER C 168 -3.21 8.62 -4.36
N ASP C 169 -3.01 9.10 -5.58
CA ASP C 169 -2.76 8.25 -6.73
C ASP C 169 -1.26 8.00 -6.79
N CYS C 170 -0.76 7.33 -5.76
CA CYS C 170 0.65 6.93 -5.66
C CYS C 170 0.83 5.96 -4.49
N LEU C 171 2.06 5.69 -4.07
CA LEU C 171 2.32 4.94 -2.84
C LEU C 171 2.14 5.85 -1.64
N VAL C 172 1.19 5.52 -0.77
CA VAL C 172 0.84 6.36 0.38
C VAL C 172 0.94 5.57 1.68
N PHE C 173 1.72 6.07 2.64
CA PHE C 173 1.80 5.44 3.96
C PHE C 173 2.06 6.41 5.11
N ASP C 174 1.63 6.01 6.31
CA ASP C 174 1.80 6.80 7.53
C ASP C 174 3.09 6.42 8.26
N THR C 175 3.34 7.06 9.41
CA THR C 175 4.60 6.83 10.14
C THR C 175 4.66 5.43 10.74
N SER C 176 3.53 4.89 11.20
CA SER C 176 3.51 3.52 11.74
C SER C 176 3.94 2.47 10.70
N ILE C 177 3.49 2.63 9.46
CA ILE C 177 3.93 1.75 8.37
C ILE C 177 5.42 1.96 8.12
N ALA C 178 5.85 3.21 8.06
CA ALA C 178 7.26 3.55 7.88
C ALA C 178 8.15 2.86 8.93
N GLN C 179 7.72 2.90 10.19
CA GLN C 179 8.44 2.23 11.29
C GLN C 179 8.53 0.72 11.09
N LEU C 180 7.47 0.16 10.53
CA LEU C 180 7.44 -1.26 10.19
C LEU C 180 8.50 -1.64 9.16
N PHE C 181 8.94 -0.70 8.32
CA PHE C 181 9.95 -0.98 7.27
C PHE C 181 11.28 -0.22 7.39
N ALA C 182 11.35 0.76 8.30
CA ALA C 182 12.58 1.53 8.49
C ALA C 182 13.73 0.73 9.13
N GLU C 183 14.94 1.29 9.05
CA GLU C 183 16.17 0.64 9.50
C GLU C 183 17.14 1.74 9.92
N ASN C 184 17.30 1.91 11.22
CA ASN C 184 18.18 2.96 11.76
C ASN C 184 17.68 4.35 11.42
N GLY C 185 16.36 4.48 11.25
CA GLY C 185 15.75 5.77 10.93
C GLY C 185 15.74 6.11 9.45
N ASN C 186 16.28 5.22 8.61
CA ASN C 186 16.22 5.37 7.15
C ASN C 186 15.21 4.39 6.58
N LEU C 187 14.74 4.67 5.36
CA LEU C 187 13.79 3.82 4.65
C LEU C 187 14.28 3.51 3.24
N GLY C 188 14.30 2.23 2.91
CA GLY C 188 14.82 1.75 1.64
C GLY C 188 13.69 1.35 0.72
N ILE C 189 13.48 2.17 -0.32
CA ILE C 189 12.47 1.94 -1.32
C ILE C 189 13.13 1.35 -2.57
N ASN C 190 12.75 0.13 -2.93
CA ASN C 190 13.19 -0.45 -4.20
C ASN C 190 12.38 0.19 -5.31
N VAL C 191 13.08 0.76 -6.27
CA VAL C 191 12.43 1.34 -7.45
C VAL C 191 12.91 0.55 -8.65
N THR C 192 11.96 0.03 -9.41
CA THR C 192 12.24 -0.70 -10.64
C THR C 192 11.46 -0.06 -11.76
N ILE C 193 12.14 0.20 -12.87
CA ILE C 193 11.49 0.82 -14.01
C ILE C 193 11.55 -0.16 -15.17
N SER C 194 10.47 -0.22 -15.93
CA SER C 194 10.34 -1.14 -17.03
C SER C 194 9.55 -0.49 -18.16
N MET C 195 9.68 -1.07 -19.34
CA MET C 195 8.89 -0.68 -20.50
C MET C 195 7.65 -1.53 -20.53
N CYS C 196 6.53 -0.97 -20.97
CA CYS C 196 5.29 -1.72 -21.10
C CYS C 196 4.49 -1.25 -22.30
N LYS D 2 21.05 -9.98 -11.34
CA LYS D 2 21.31 -8.51 -11.53
C LYS D 2 21.82 -7.83 -10.25
N LEU D 3 22.81 -6.96 -10.42
CA LEU D 3 23.21 -6.03 -9.37
C LEU D 3 22.07 -5.05 -9.11
N ARG D 4 22.11 -4.39 -7.95
CA ARG D 4 21.11 -3.41 -7.60
C ARG D 4 21.76 -2.29 -6.79
N PRO D 5 22.04 -1.15 -7.44
CA PRO D 5 22.71 -0.04 -6.74
C PRO D 5 21.85 0.60 -5.65
N VAL D 6 22.49 0.96 -4.55
CA VAL D 6 21.83 1.64 -3.46
C VAL D 6 22.28 3.07 -3.43
N 23P D 7 21.38 3.97 -3.12
N 23P D 7 21.36 3.98 -3.14
CA 23P D 7 21.67 5.39 -3.11
CA 23P D 7 21.65 5.39 -3.10
CB 23P D 7 21.05 6.01 -4.35
CB 23P D 7 21.01 6.09 -4.28
NG 23P D 7 21.32 7.43 -4.37
NG 23P D 7 21.39 7.47 -4.17
CD 23P D 7 22.53 7.89 -4.66
CD 23P D 7 22.67 7.80 -4.28
CE 23P D 7 22.64 9.39 -4.66
CE 23P D 7 23.00 9.25 -4.14
CZ 23P D 7 22.21 9.79 -6.04
CZ 23P D 7 23.02 9.77 -5.54
C 23P D 7 21.13 6.06 -1.89
C 23P D 7 21.12 6.05 -1.87
O 23P D 7 19.90 6.08 -1.68
O 23P D 7 19.91 6.03 -1.63
OE 23P D 7 23.49 7.20 -4.94
OE 23P D 7 23.55 6.98 -4.51
N MET D 8 22.02 6.61 -1.08
CA MET D 8 21.63 7.41 0.07
C MET D 8 21.06 8.71 -0.44
N VAL D 9 19.89 9.09 0.09
CA VAL D 9 19.26 10.34 -0.30
C VAL D 9 18.99 11.09 0.99
N ARG D 10 19.71 12.19 1.18
CA ARG D 10 19.53 13.00 2.36
C ARG D 10 18.35 13.94 2.13
N PRO D 11 17.59 14.24 3.20
CA PRO D 11 16.34 14.98 3.07
C PRO D 11 16.53 16.47 2.78
N TRP D 12 15.42 17.13 2.47
CA TRP D 12 15.36 18.59 2.36
C TRP D 12 14.07 19.05 2.97
N VAL D 13 14.13 20.15 3.73
CA VAL D 13 12.95 20.65 4.44
C VAL D 13 12.28 21.79 3.69
N ARG D 14 10.98 21.63 3.42
CA ARG D 14 10.22 22.59 2.63
C ARG D 14 9.61 23.67 3.52
ZN ZN E . -18.78 -16.61 17.60
ZN ZN F . 1.13 -24.25 28.68
C1 MPD G . -21.98 -10.73 13.30
C2 MPD G . -21.04 -11.59 12.44
O2 MPD G . -19.92 -12.01 13.26
CM MPD G . -21.78 -12.83 11.92
C3 MPD G . -20.46 -10.75 11.26
C4 MPD G . -19.44 -9.70 11.76
O4 MPD G . -18.25 -10.37 12.29
C5 MPD G . -19.01 -8.72 10.66
ZN ZN H . 14.79 24.36 -11.02
ZN ZN I . -2.03 24.57 -28.03
C1 MPD J . 16.48 21.67 -3.37
C2 MPD J . 16.51 20.45 -4.30
O2 MPD J . 17.03 20.91 -5.57
CM MPD J . 17.34 19.30 -3.71
C3 MPD J . 15.10 19.90 -4.52
C4 MPD J . 14.37 19.89 -3.16
O4 MPD J . 12.93 19.99 -3.34
C5 MPD J . 14.81 18.64 -2.39
#